data_6MLT
#
_entry.id   6MLT
#
_cell.length_a   70.951
_cell.length_b   70.951
_cell.length_c   303.957
_cell.angle_alpha   90.000
_cell.angle_beta   90.000
_cell.angle_gamma   90.000
#
_symmetry.space_group_name_H-M   'P 41 21 2'
#
loop_
_entity.id
_entity.type
_entity.pdbx_description
1 polymer 'Hemolysin-related protein'
2 non-polymer 'CALCIUM ION'
3 non-polymer 'SODIUM ION'
4 non-polymer 'CITRATE ANION'
5 non-polymer GLYCEROL
6 water water
#
_entity_poly.entity_id   1
_entity_poly.type   'polypeptide(L)'
_entity_poly.pdbx_seq_one_letter_code
;GSAMGSSSSDIQTKLKWSWSTSVFHPESNQVMAAPIVVQLNDDNGDGKIDEKDVADIIVVTFEGNKYANGGYIRALSGVD
GSELWSYSNGGVIADARYAPAAADLDGDGLIEIVSTSALTPYINILDHQGNIKKQLLKSASGWRSVGDIALADINGDGNI
EILAADGVYSYESGLLFSHDWAPSSIAFDSNGDGQREVFANGTLYQNNGAYLWQYQANDTVWFSSVANLDGDDKPELVVS
VPASLSTPENSEIAVLEHDGSVKWRVNNLSNPGGSVQAVSSFLGKPSSSATTVDAQSAVYGYTDWAHQQRVLAENHQLAI
RSGAVVDAIGANSQNMIGGSGGSLSTIDTSKVRAIDVTYGKNKYTWKYGVLEMSFTLDNGAKVTVGSKDSAFTSTTVRYD
IPQGSQLLGMNVWSKEKHLFKHKQQVNAVQFLVGKVTADQSHMGIVYAGYYAVDMYDAQGNKVWSVANDDLNSGKIGVSA
YDFTGDGIDEVLVQDRLRMRILDGQTGRVMGIIANSSGTLWEYPVVADLEGNNNASLIMVANDYDRESQVNHGVFVYESA
NPSKPWRNATRIWNQYAFNFSDINANGTIPTNAQPSWLTHNSFRSATIRVPLK
;
_entity_poly.pdbx_strand_id   A
#
# COMPACT_ATOMS: atom_id res chain seq x y z
N ASP A 10 0.66 -0.41 -27.20
CA ASP A 10 0.22 -1.69 -26.66
C ASP A 10 1.38 -2.40 -25.97
N ILE A 11 1.04 -3.34 -25.10
CA ILE A 11 2.02 -4.14 -24.37
C ILE A 11 2.08 -5.49 -25.06
N GLN A 12 3.24 -5.80 -25.64
CA GLN A 12 3.46 -7.05 -26.36
C GLN A 12 4.03 -8.10 -25.41
N THR A 13 3.46 -9.30 -25.44
CA THR A 13 3.85 -10.37 -24.53
C THR A 13 4.17 -11.63 -25.30
N LYS A 14 4.90 -12.52 -24.64
CA LYS A 14 5.18 -13.86 -25.15
C LYS A 14 5.24 -14.80 -23.97
N LEU A 15 4.91 -16.07 -24.21
CA LEU A 15 4.86 -17.06 -23.15
C LEU A 15 6.27 -17.36 -22.67
N LYS A 16 6.46 -17.30 -21.35
CA LYS A 16 7.71 -17.72 -20.72
C LYS A 16 7.69 -19.21 -20.42
N TRP A 17 6.68 -19.67 -19.69
CA TRP A 17 6.42 -21.10 -19.54
C TRP A 17 4.98 -21.29 -19.12
N SER A 18 4.51 -22.54 -19.20
CA SER A 18 3.19 -22.90 -18.72
C SER A 18 3.26 -24.25 -18.03
N TRP A 19 2.34 -24.47 -17.10
CA TRP A 19 2.16 -25.75 -16.43
C TRP A 19 0.70 -26.15 -16.62
N SER A 20 0.48 -27.39 -17.06
CA SER A 20 -0.89 -27.86 -17.28
C SER A 20 -1.09 -29.31 -16.90
N THR A 21 -0.05 -30.03 -16.51
CA THR A 21 -0.19 -31.46 -16.23
C THR A 21 0.94 -31.91 -15.33
N SER A 22 0.76 -33.09 -14.74
CA SER A 22 1.71 -33.64 -13.78
C SER A 22 1.55 -35.15 -13.77
N VAL A 23 2.64 -35.83 -13.43
CA VAL A 23 2.55 -37.25 -13.14
C VAL A 23 1.93 -37.51 -11.76
N PHE A 24 1.96 -36.52 -10.88
CA PHE A 24 1.28 -36.61 -9.59
C PHE A 24 -0.14 -36.08 -9.76
N HIS A 25 -1.12 -36.97 -9.67
CA HIS A 25 -2.53 -36.64 -9.84
C HIS A 25 -2.74 -35.82 -11.11
N PRO A 26 -2.57 -36.44 -12.29
CA PRO A 26 -2.73 -35.68 -13.53
C PRO A 26 -4.11 -35.07 -13.69
N GLU A 27 -5.14 -35.65 -13.07
CA GLU A 27 -6.48 -35.10 -13.19
C GLU A 27 -6.64 -33.77 -12.45
N SER A 28 -5.76 -33.47 -11.49
CA SER A 28 -5.85 -32.25 -10.68
C SER A 28 -5.02 -31.18 -11.38
N ASN A 29 -5.63 -30.49 -12.34
CA ASN A 29 -4.86 -29.59 -13.19
C ASN A 29 -5.59 -28.27 -13.46
N GLN A 30 -6.62 -27.95 -12.68
CA GLN A 30 -7.35 -26.69 -12.78
C GLN A 30 -6.93 -25.77 -11.65
N VAL A 31 -6.87 -24.47 -11.92
CA VAL A 31 -6.48 -23.50 -10.90
C VAL A 31 -7.42 -22.30 -10.97
N MET A 32 -7.92 -21.88 -9.80
CA MET A 32 -8.85 -20.75 -9.75
C MET A 32 -8.64 -19.90 -8.49
N ALA A 33 -7.41 -19.89 -7.96
CA ALA A 33 -7.04 -19.03 -6.84
C ALA A 33 -5.74 -18.31 -7.20
N ALA A 34 -5.60 -17.10 -6.68
CA ALA A 34 -4.49 -16.25 -7.09
C ALA A 34 -3.16 -16.92 -6.75
N PRO A 35 -2.15 -16.78 -7.61
CA PRO A 35 -0.85 -17.40 -7.35
C PRO A 35 -0.07 -16.62 -6.29
N ILE A 36 0.83 -17.34 -5.63
CA ILE A 36 1.72 -16.81 -4.62
C ILE A 36 3.15 -16.99 -5.12
N VAL A 37 4.03 -16.04 -4.79
CA VAL A 37 5.39 -16.01 -5.32
C VAL A 37 6.38 -15.87 -4.17
N VAL A 38 7.22 -16.88 -3.99
CA VAL A 38 8.23 -16.91 -2.94
C VAL A 38 9.36 -17.84 -3.38
N GLN A 39 10.53 -17.69 -2.74
CA GLN A 39 11.69 -18.54 -3.03
C GLN A 39 11.56 -19.88 -2.33
N LEU A 40 11.74 -20.98 -3.07
CA LEU A 40 11.58 -22.31 -2.51
C LEU A 40 12.72 -23.27 -2.76
N ASN A 41 13.71 -22.95 -3.60
CA ASN A 41 14.81 -23.87 -3.83
C ASN A 41 16.09 -23.09 -4.12
N ASP A 42 17.20 -23.82 -4.11
CA ASP A 42 18.52 -23.24 -4.31
C ASP A 42 18.87 -23.33 -5.79
N ASP A 43 18.54 -22.28 -6.55
CA ASP A 43 18.77 -22.31 -7.99
C ASP A 43 20.25 -22.15 -8.34
N ASN A 44 20.97 -21.26 -7.66
CA ASN A 44 22.37 -21.01 -7.98
C ASN A 44 23.34 -21.93 -7.27
N GLY A 45 22.85 -22.88 -6.47
CA GLY A 45 23.70 -23.89 -5.88
C GLY A 45 24.72 -23.39 -4.88
N ASP A 46 24.41 -22.33 -4.13
CA ASP A 46 25.31 -21.82 -3.12
C ASP A 46 24.94 -22.27 -1.71
N GLY A 47 24.07 -23.28 -1.59
CA GLY A 47 23.69 -23.81 -0.30
C GLY A 47 22.67 -23.00 0.45
N LYS A 48 22.19 -21.89 -0.11
CA LYS A 48 21.22 -21.02 0.53
C LYS A 48 20.03 -20.82 -0.39
N ILE A 49 18.91 -20.45 0.20
CA ILE A 49 17.72 -20.07 -0.54
C ILE A 49 17.39 -18.64 -0.16
N ASP A 50 17.66 -17.69 -1.05
CA ASP A 50 17.43 -16.29 -0.77
C ASP A 50 17.16 -15.56 -2.09
N GLU A 51 17.21 -14.23 -2.05
CA GLU A 51 16.84 -13.40 -3.20
C GLU A 51 17.78 -13.55 -4.39
N LYS A 52 18.92 -14.23 -4.22
CA LYS A 52 19.77 -14.51 -5.37
C LYS A 52 19.21 -15.64 -6.22
N ASP A 53 18.25 -16.41 -5.70
CA ASP A 53 17.64 -17.49 -6.45
C ASP A 53 16.44 -16.95 -7.23
N VAL A 54 15.77 -17.85 -7.96
CA VAL A 54 14.64 -17.48 -8.80
C VAL A 54 13.36 -17.79 -8.05
N ALA A 55 12.54 -16.78 -7.79
CA ALA A 55 11.31 -16.97 -7.04
C ALA A 55 10.36 -17.92 -7.77
N ASP A 56 9.57 -18.63 -6.98
CA ASP A 56 8.74 -19.73 -7.47
C ASP A 56 7.26 -19.41 -7.23
N ILE A 57 6.41 -20.26 -7.80
CA ILE A 57 4.96 -20.05 -7.78
C ILE A 57 4.32 -21.17 -6.98
N ILE A 58 3.39 -20.81 -6.09
CA ILE A 58 2.57 -21.77 -5.36
C ILE A 58 1.12 -21.60 -5.79
N VAL A 59 0.48 -22.71 -6.16
CA VAL A 59 -0.92 -22.75 -6.54
C VAL A 59 -1.56 -23.97 -5.91
N VAL A 60 -2.89 -24.00 -5.93
CA VAL A 60 -3.68 -25.13 -5.49
C VAL A 60 -4.48 -25.63 -6.70
N THR A 61 -4.31 -26.91 -7.04
CA THR A 61 -4.95 -27.48 -8.22
C THR A 61 -6.13 -28.37 -7.82
N PHE A 62 -7.18 -28.37 -8.67
CA PHE A 62 -8.35 -29.21 -8.46
C PHE A 62 -8.73 -29.88 -9.78
N GLU A 63 -9.61 -30.88 -9.67
CA GLU A 63 -10.06 -31.67 -10.79
C GLU A 63 -11.44 -31.21 -11.25
N GLY A 64 -11.60 -31.13 -12.56
CA GLY A 64 -12.92 -30.85 -13.14
C GLY A 64 -13.53 -29.60 -12.56
N ASN A 65 -14.79 -29.73 -12.10
CA ASN A 65 -15.50 -28.60 -11.49
C ASN A 65 -15.51 -28.70 -9.97
N LYS A 66 -14.60 -29.46 -9.37
CA LYS A 66 -14.62 -29.76 -7.94
C LYS A 66 -13.83 -28.75 -7.12
N TYR A 67 -13.93 -27.47 -7.43
CA TYR A 67 -13.10 -26.48 -6.75
C TYR A 67 -13.51 -26.25 -5.31
N ALA A 68 -14.70 -26.71 -4.90
CA ALA A 68 -15.17 -26.51 -3.54
C ALA A 68 -14.79 -27.63 -2.58
N ASN A 69 -14.12 -28.67 -3.08
CA ASN A 69 -13.87 -29.87 -2.28
C ASN A 69 -12.39 -30.11 -2.02
N GLY A 70 -11.55 -29.08 -2.13
CA GLY A 70 -10.15 -29.18 -1.84
C GLY A 70 -9.31 -29.50 -3.06
N GLY A 71 -8.03 -29.11 -2.99
CA GLY A 71 -7.08 -29.37 -4.06
C GLY A 71 -5.68 -29.55 -3.50
N TYR A 72 -4.73 -29.84 -4.39
CA TYR A 72 -3.35 -30.10 -4.00
C TYR A 72 -2.52 -28.83 -4.11
N ILE A 73 -1.72 -28.56 -3.09
CA ILE A 73 -0.73 -27.50 -3.16
C ILE A 73 0.42 -27.97 -4.03
N ARG A 74 0.82 -27.14 -4.99
CA ARG A 74 1.93 -27.44 -5.89
C ARG A 74 2.87 -26.26 -5.96
N ALA A 75 4.16 -26.54 -5.96
CA ALA A 75 5.20 -25.52 -6.11
C ALA A 75 5.83 -25.65 -7.50
N LEU A 76 5.84 -24.56 -8.25
CA LEU A 76 6.33 -24.53 -9.63
C LEU A 76 7.58 -23.65 -9.72
N SER A 77 8.61 -24.17 -10.38
CA SER A 77 9.86 -23.43 -10.50
C SER A 77 9.65 -22.16 -11.32
N GLY A 78 10.16 -21.04 -10.81
CA GLY A 78 10.11 -19.80 -11.56
C GLY A 78 10.86 -19.86 -12.87
N VAL A 79 11.84 -20.76 -12.98
CA VAL A 79 12.65 -20.86 -14.19
C VAL A 79 11.84 -21.41 -15.34
N ASP A 80 11.20 -22.56 -15.14
CA ASP A 80 10.60 -23.27 -16.27
C ASP A 80 9.25 -23.88 -15.95
N GLY A 81 8.69 -23.67 -14.76
CA GLY A 81 7.40 -24.23 -14.42
C GLY A 81 7.42 -25.67 -13.98
N SER A 82 8.59 -26.30 -13.90
CA SER A 82 8.67 -27.67 -13.42
C SER A 82 8.31 -27.73 -11.94
N GLU A 83 7.78 -28.89 -11.54
CA GLU A 83 7.33 -29.04 -10.17
C GLU A 83 8.52 -29.31 -9.25
N LEU A 84 8.64 -28.51 -8.18
CA LEU A 84 9.78 -28.58 -7.29
C LEU A 84 9.65 -29.69 -6.24
N TRP A 85 8.43 -30.13 -5.95
CA TRP A 85 8.19 -31.04 -4.84
C TRP A 85 8.10 -32.48 -5.32
N SER A 86 8.45 -33.40 -4.42
CA SER A 86 8.35 -34.82 -4.71
C SER A 86 6.95 -35.39 -4.40
N TYR A 87 6.20 -34.72 -3.53
CA TYR A 87 4.91 -35.25 -3.08
C TYR A 87 5.06 -36.63 -2.44
N SER A 88 6.25 -36.92 -1.89
CA SER A 88 6.46 -38.20 -1.21
C SER A 88 5.52 -38.38 -0.03
N ASN A 89 4.97 -37.29 0.51
CA ASN A 89 4.00 -37.38 1.59
C ASN A 89 2.58 -37.64 1.07
N GLY A 90 2.41 -37.86 -0.23
CA GLY A 90 1.09 -38.03 -0.78
C GLY A 90 0.37 -36.74 -1.13
N GLY A 91 1.01 -35.60 -0.97
CA GLY A 91 0.39 -34.32 -1.29
C GLY A 91 -0.36 -33.74 -0.10
N VAL A 92 -0.50 -32.42 -0.10
CA VAL A 92 -1.18 -31.69 0.96
C VAL A 92 -2.42 -31.04 0.36
N ILE A 93 -3.58 -31.31 0.97
CA ILE A 93 -4.85 -30.75 0.51
C ILE A 93 -5.06 -29.39 1.17
N ALA A 94 -5.40 -28.40 0.33
CA ALA A 94 -5.82 -27.09 0.80
C ALA A 94 -7.07 -26.70 0.04
N ASP A 95 -7.83 -25.76 0.57
CA ASP A 95 -8.96 -25.26 -0.19
C ASP A 95 -8.47 -24.66 -1.50
N ALA A 96 -9.19 -24.93 -2.57
CA ALA A 96 -8.78 -24.50 -3.91
C ALA A 96 -9.28 -23.12 -4.28
N ARG A 97 -10.10 -22.48 -3.43
CA ARG A 97 -10.67 -21.18 -3.74
C ARG A 97 -9.89 -20.02 -3.17
N TYR A 98 -9.03 -20.25 -2.18
CA TYR A 98 -8.28 -19.19 -1.51
C TYR A 98 -6.79 -19.48 -1.65
N ALA A 99 -6.03 -18.45 -2.00
CA ALA A 99 -4.59 -18.60 -2.05
C ALA A 99 -4.06 -18.86 -0.64
N PRO A 100 -3.08 -19.75 -0.49
CA PRO A 100 -2.38 -19.84 0.78
C PRO A 100 -1.52 -18.60 1.02
N ALA A 101 -0.81 -18.57 2.14
CA ALA A 101 0.10 -17.47 2.47
C ALA A 101 1.44 -18.05 2.87
N ALA A 102 2.51 -17.31 2.61
CA ALA A 102 3.85 -17.84 2.84
C ALA A 102 4.76 -16.78 3.40
N ALA A 103 5.70 -17.21 4.23
CA ALA A 103 6.71 -16.34 4.79
C ALA A 103 7.66 -17.20 5.60
N ASP A 104 8.84 -16.65 5.91
CA ASP A 104 9.77 -17.27 6.84
C ASP A 104 9.28 -16.94 8.24
N LEU A 105 8.53 -17.85 8.84
CA LEU A 105 7.82 -17.57 10.08
C LEU A 105 8.70 -17.75 11.31
N ASP A 106 9.68 -18.65 11.27
CA ASP A 106 10.54 -18.92 12.41
C ASP A 106 11.94 -18.37 12.27
N GLY A 107 12.24 -17.69 11.17
CA GLY A 107 13.53 -17.03 11.02
C GLY A 107 14.70 -17.95 10.75
N ASP A 108 14.46 -19.12 10.16
CA ASP A 108 15.54 -20.04 9.83
C ASP A 108 16.05 -19.86 8.40
N GLY A 109 15.57 -18.84 7.69
CA GLY A 109 15.99 -18.58 6.32
C GLY A 109 15.21 -19.33 5.26
N LEU A 110 14.18 -20.09 5.63
CA LEU A 110 13.42 -20.90 4.71
C LEU A 110 11.94 -20.53 4.81
N ILE A 111 11.25 -20.59 3.67
CA ILE A 111 9.85 -20.21 3.57
C ILE A 111 8.97 -21.31 4.14
N GLU A 112 7.97 -20.91 4.94
CA GLU A 112 6.87 -21.76 5.35
C GLU A 112 5.61 -21.38 4.59
N ILE A 113 4.72 -22.34 4.38
CA ILE A 113 3.50 -22.16 3.59
C ILE A 113 2.30 -22.48 4.46
N VAL A 114 1.41 -21.51 4.64
CA VAL A 114 0.28 -21.62 5.56
C VAL A 114 -1.00 -21.82 4.75
N SER A 115 -1.79 -22.82 5.13
CA SER A 115 -3.03 -23.09 4.43
C SER A 115 -3.94 -23.94 5.31
N THR A 116 -5.19 -24.11 4.86
CA THR A 116 -6.10 -25.05 5.48
C THR A 116 -7.15 -25.45 4.45
N SER A 117 -8.02 -26.38 4.86
CA SER A 117 -9.17 -26.78 4.06
C SER A 117 -10.33 -27.05 5.00
N ALA A 118 -11.51 -27.28 4.42
CA ALA A 118 -12.66 -27.64 5.21
C ALA A 118 -12.60 -29.09 5.69
N LEU A 119 -11.63 -29.87 5.20
CA LEU A 119 -11.52 -31.28 5.49
C LEU A 119 -10.57 -31.59 6.64
N THR A 120 -9.85 -30.59 7.15
CA THR A 120 -8.90 -30.77 8.23
C THR A 120 -9.25 -29.88 9.42
N PRO A 121 -8.98 -30.32 10.64
CA PRO A 121 -9.16 -29.43 11.80
C PRO A 121 -7.99 -28.51 12.08
N TYR A 122 -6.97 -28.50 11.22
CA TYR A 122 -5.73 -27.78 11.47
C TYR A 122 -5.45 -26.74 10.39
N ILE A 123 -4.85 -25.63 10.81
CA ILE A 123 -4.03 -24.84 9.91
C ILE A 123 -2.72 -25.60 9.70
N ASN A 124 -2.43 -25.93 8.44
CA ASN A 124 -1.23 -26.68 8.09
C ASN A 124 -0.12 -25.72 7.68
N ILE A 125 1.04 -25.88 8.28
CA ILE A 125 2.19 -25.06 7.95
C ILE A 125 3.27 -25.99 7.38
N LEU A 126 3.54 -25.84 6.08
CA LEU A 126 4.52 -26.67 5.39
C LEU A 126 5.88 -25.99 5.34
N ASP A 127 6.93 -26.81 5.30
CA ASP A 127 8.26 -26.31 4.98
C ASP A 127 8.38 -26.11 3.47
N HIS A 128 9.54 -25.62 3.02
CA HIS A 128 9.72 -25.22 1.64
C HIS A 128 9.74 -26.41 0.68
N GLN A 129 9.76 -27.63 1.18
CA GLN A 129 9.69 -28.83 0.35
C GLN A 129 8.30 -29.44 0.30
N GLY A 130 7.31 -28.81 0.93
CA GLY A 130 5.95 -29.29 0.89
C GLY A 130 5.58 -30.25 1.98
N ASN A 131 6.44 -30.43 2.99
CA ASN A 131 6.17 -31.35 4.07
C ASN A 131 5.68 -30.61 5.30
N ILE A 132 4.79 -31.27 6.06
CA ILE A 132 4.20 -30.65 7.23
C ILE A 132 5.28 -30.33 8.24
N LYS A 133 5.23 -29.13 8.79
CA LYS A 133 6.17 -28.67 9.80
C LYS A 133 5.47 -28.30 11.11
N LYS A 134 4.38 -27.55 11.04
CA LYS A 134 3.57 -27.24 12.22
C LYS A 134 2.10 -27.36 11.86
N GLN A 135 1.30 -27.61 12.89
CA GLN A 135 -0.15 -27.60 12.79
C GLN A 135 -0.72 -26.83 13.97
N LEU A 136 -1.75 -26.03 13.70
CA LEU A 136 -2.45 -25.26 14.72
C LEU A 136 -3.93 -25.61 14.66
N LEU A 137 -4.48 -26.07 15.77
CA LEU A 137 -5.88 -26.47 15.81
C LEU A 137 -6.78 -25.26 15.59
N LYS A 138 -7.73 -25.38 14.67
CA LYS A 138 -8.55 -24.26 14.28
C LYS A 138 -9.69 -24.02 15.28
N SER A 139 -10.21 -22.79 15.27
CA SER A 139 -11.35 -22.45 16.10
C SER A 139 -12.62 -23.13 15.59
N ALA A 140 -12.89 -23.00 14.29
CA ALA A 140 -14.11 -23.53 13.70
C ALA A 140 -13.78 -24.76 12.87
N SER A 141 -14.83 -25.39 12.34
CA SER A 141 -14.68 -26.54 11.48
C SER A 141 -15.48 -26.33 10.21
N GLY A 142 -15.08 -27.04 9.16
CA GLY A 142 -15.81 -26.98 7.92
C GLY A 142 -15.61 -25.66 7.19
N TRP A 143 -16.63 -25.28 6.41
CA TRP A 143 -16.51 -24.11 5.56
C TRP A 143 -16.27 -22.85 6.38
N ARG A 144 -16.73 -22.81 7.63
CA ARG A 144 -16.56 -21.64 8.48
C ARG A 144 -15.11 -21.39 8.88
N SER A 145 -14.20 -22.33 8.59
CA SER A 145 -12.79 -22.18 8.95
C SER A 145 -11.91 -21.92 7.73
N VAL A 146 -12.50 -21.65 6.58
CA VAL A 146 -11.78 -21.54 5.31
C VAL A 146 -11.93 -20.12 4.79
N GLY A 147 -10.81 -19.48 4.50
CA GLY A 147 -10.84 -18.19 3.86
C GLY A 147 -9.44 -17.70 3.59
N ASP A 148 -9.30 -16.39 3.41
CA ASP A 148 -7.99 -15.82 3.20
C ASP A 148 -7.16 -15.94 4.47
N ILE A 149 -5.85 -15.99 4.28
CA ILE A 149 -4.89 -15.98 5.38
C ILE A 149 -3.90 -14.85 5.12
N ALA A 150 -3.70 -14.01 6.14
CA ALA A 150 -2.70 -12.97 6.09
C ALA A 150 -1.72 -13.17 7.24
N LEU A 151 -0.48 -12.73 7.03
CA LEU A 151 0.61 -12.96 7.99
C LEU A 151 1.20 -11.61 8.40
N ALA A 152 1.24 -11.35 9.70
CA ALA A 152 1.80 -10.09 10.20
C ALA A 152 2.15 -10.24 11.66
N ASP A 153 3.13 -9.45 12.10
CA ASP A 153 3.40 -9.27 13.53
C ASP A 153 2.53 -8.11 13.99
N ILE A 154 1.40 -8.42 14.62
CA ILE A 154 0.38 -7.41 14.88
C ILE A 154 0.56 -6.73 16.23
N ASN A 155 1.38 -7.28 17.12
CA ASN A 155 1.64 -6.67 18.41
C ASN A 155 3.09 -6.29 18.64
N GLY A 156 3.97 -6.55 17.68
CA GLY A 156 5.35 -6.12 17.77
C GLY A 156 6.21 -6.90 18.73
N ASP A 157 5.84 -8.14 19.06
CA ASP A 157 6.64 -8.93 19.99
C ASP A 157 7.63 -9.84 19.30
N GLY A 158 7.82 -9.70 17.98
CA GLY A 158 8.76 -10.51 17.25
C GLY A 158 8.22 -11.82 16.71
N ASN A 159 7.07 -12.28 17.20
CA ASN A 159 6.41 -13.48 16.70
C ASN A 159 5.34 -13.10 15.68
N ILE A 160 5.10 -14.01 14.73
CA ILE A 160 4.21 -13.73 13.60
C ILE A 160 2.82 -14.29 13.89
N GLU A 161 1.81 -13.46 13.66
CA GLU A 161 0.42 -13.87 13.81
C GLU A 161 -0.18 -14.24 12.46
N ILE A 162 -1.17 -15.11 12.51
CA ILE A 162 -1.85 -15.65 11.34
C ILE A 162 -3.30 -15.23 11.41
N LEU A 163 -3.75 -14.42 10.46
CA LEU A 163 -5.12 -13.93 10.41
C LEU A 163 -5.92 -14.81 9.45
N ALA A 164 -6.77 -15.66 10.00
CA ALA A 164 -7.51 -16.65 9.21
C ALA A 164 -9.01 -16.39 9.30
N ALA A 165 -9.78 -17.26 8.65
CA ALA A 165 -11.21 -17.00 8.48
C ALA A 165 -11.98 -17.08 9.79
N ASP A 166 -11.50 -17.86 10.75
CA ASP A 166 -12.23 -18.12 11.98
C ASP A 166 -11.55 -17.58 13.22
N GLY A 167 -10.46 -16.84 13.08
CA GLY A 167 -9.76 -16.30 14.22
C GLY A 167 -8.36 -15.87 13.86
N VAL A 168 -7.64 -15.44 14.89
CA VAL A 168 -6.27 -14.99 14.80
C VAL A 168 -5.42 -15.93 15.62
N TYR A 169 -4.30 -16.37 15.04
CA TYR A 169 -3.45 -17.39 15.61
C TYR A 169 -2.02 -16.88 15.74
N SER A 170 -1.33 -17.40 16.76
CA SER A 170 0.10 -17.22 16.92
C SER A 170 0.81 -18.43 16.33
N TYR A 171 1.87 -18.16 15.56
CA TYR A 171 2.66 -19.27 15.00
C TYR A 171 3.14 -20.20 16.10
N GLU A 172 3.49 -19.64 17.26
CA GLU A 172 4.03 -20.41 18.37
C GLU A 172 2.94 -21.03 19.24
N SER A 173 1.95 -20.26 19.64
CA SER A 173 1.04 -20.69 20.69
C SER A 173 -0.37 -21.02 20.20
N GLY A 174 -0.66 -20.84 18.92
CA GLY A 174 -1.95 -21.23 18.38
C GLY A 174 -3.03 -20.17 18.53
N LEU A 175 -4.28 -20.60 18.61
CA LEU A 175 -5.42 -19.70 18.59
C LEU A 175 -5.30 -18.63 19.68
N LEU A 176 -5.45 -17.37 19.28
CA LEU A 176 -5.45 -16.22 20.19
C LEU A 176 -6.86 -15.72 20.47
N PHE A 177 -7.67 -15.54 19.44
CA PHE A 177 -9.08 -15.25 19.62
C PHE A 177 -9.84 -15.71 18.38
N SER A 178 -11.11 -16.06 18.60
CA SER A 178 -12.01 -16.57 17.59
C SER A 178 -12.93 -15.47 17.08
N HIS A 179 -13.35 -15.60 15.83
CA HIS A 179 -14.44 -14.77 15.30
C HIS A 179 -15.21 -15.56 14.26
N ASP A 180 -16.43 -15.09 14.00
CA ASP A 180 -17.29 -15.67 12.97
C ASP A 180 -16.58 -15.66 11.62
N TRP A 181 -17.01 -16.54 10.74
CA TRP A 181 -16.38 -16.69 9.43
C TRP A 181 -16.20 -15.36 8.73
N ALA A 182 -14.99 -15.13 8.26
CA ALA A 182 -14.67 -13.94 7.46
C ALA A 182 -13.84 -14.36 6.26
N PRO A 183 -14.30 -14.13 5.03
CA PRO A 183 -13.44 -14.50 3.89
C PRO A 183 -12.13 -13.74 3.85
N SER A 184 -12.08 -12.55 4.47
CA SER A 184 -10.93 -11.67 4.40
C SER A 184 -10.62 -11.08 5.77
N SER A 185 -9.34 -11.08 6.12
CA SER A 185 -8.83 -10.37 7.29
C SER A 185 -7.57 -9.62 6.92
N ILE A 186 -7.41 -8.40 7.46
CA ILE A 186 -6.14 -7.67 7.34
C ILE A 186 -5.84 -7.01 8.68
N ALA A 187 -4.59 -6.59 8.84
CA ALA A 187 -4.15 -5.91 10.04
C ALA A 187 -3.51 -4.57 9.68
N PHE A 188 -3.81 -3.55 10.49
CA PHE A 188 -3.17 -2.24 10.34
C PHE A 188 -3.38 -1.47 11.63
N ASP A 189 -2.48 -0.52 11.88
CA ASP A 189 -2.58 0.36 13.04
C ASP A 189 -3.60 1.44 12.71
N SER A 190 -4.83 1.27 13.23
CA SER A 190 -5.92 2.17 12.90
C SER A 190 -5.88 3.47 13.69
N ASN A 191 -5.20 3.49 14.84
CA ASN A 191 -5.29 4.62 15.75
C ASN A 191 -3.93 5.16 16.19
N GLY A 192 -2.85 4.72 15.55
CA GLY A 192 -1.54 5.26 15.83
C GLY A 192 -0.95 4.96 17.18
N ASP A 193 -1.35 3.87 17.83
CA ASP A 193 -0.78 3.50 19.12
C ASP A 193 0.30 2.42 19.00
N GLY A 194 0.72 2.08 17.78
CA GLY A 194 1.76 1.11 17.57
C GLY A 194 1.29 -0.32 17.47
N GLN A 195 0.09 -0.62 17.95
CA GLN A 195 -0.51 -1.94 17.80
C GLN A 195 -1.35 -1.99 16.53
N ARG A 196 -1.37 -3.15 15.90
CA ARG A 196 -2.17 -3.32 14.69
C ARG A 196 -3.50 -3.98 15.07
N GLU A 197 -4.59 -3.34 14.66
CA GLU A 197 -5.92 -3.91 14.81
C GLU A 197 -6.20 -4.87 13.65
N VAL A 198 -7.23 -5.69 13.82
CA VAL A 198 -7.62 -6.71 12.85
C VAL A 198 -8.98 -6.33 12.29
N PHE A 199 -9.07 -6.21 10.96
CA PHE A 199 -10.34 -5.91 10.30
C PHE A 199 -10.79 -7.14 9.53
N ALA A 200 -11.98 -7.63 9.86
CA ALA A 200 -12.50 -8.86 9.26
C ALA A 200 -14.01 -8.77 9.18
N ASN A 201 -14.54 -8.85 7.96
CA ASN A 201 -15.99 -8.90 7.73
C ASN A 201 -16.70 -7.73 8.40
N GLY A 202 -16.15 -6.54 8.22
CA GLY A 202 -16.77 -5.33 8.71
C GLY A 202 -16.45 -4.96 10.14
N THR A 203 -15.85 -5.86 10.92
CA THR A 203 -15.57 -5.61 12.33
C THR A 203 -14.08 -5.30 12.51
N LEU A 204 -13.78 -4.24 13.24
CA LEU A 204 -12.43 -3.93 13.66
C LEU A 204 -12.23 -4.39 15.10
N TYR A 205 -11.25 -5.26 15.32
CA TYR A 205 -10.87 -5.76 16.63
C TYR A 205 -9.49 -5.23 17.01
N GLN A 206 -9.29 -4.99 18.29
CA GLN A 206 -7.93 -4.95 18.82
C GLN A 206 -7.30 -6.33 18.66
N ASN A 207 -5.97 -6.38 18.77
CA ASN A 207 -5.31 -7.64 18.47
C ASN A 207 -5.48 -8.68 19.59
N ASN A 208 -6.10 -8.33 20.71
CA ASN A 208 -6.57 -9.33 21.67
C ASN A 208 -8.01 -9.77 21.40
N GLY A 209 -8.64 -9.24 20.36
CA GLY A 209 -10.00 -9.59 20.01
C GLY A 209 -11.07 -8.66 20.55
N ALA A 210 -10.70 -7.67 21.34
CA ALA A 210 -11.68 -6.71 21.84
C ALA A 210 -12.32 -5.95 20.69
N TYR A 211 -13.64 -5.81 20.77
CA TYR A 211 -14.41 -5.14 19.72
C TYR A 211 -14.17 -3.63 19.77
N LEU A 212 -13.87 -3.03 18.61
CA LEU A 212 -13.72 -1.58 18.52
C LEU A 212 -14.90 -0.94 17.79
N TRP A 213 -15.16 -1.35 16.55
CA TRP A 213 -16.31 -0.86 15.81
C TRP A 213 -16.63 -1.82 14.68
N GLN A 214 -17.77 -1.58 14.05
CA GLN A 214 -18.25 -2.48 13.02
C GLN A 214 -19.00 -1.67 11.97
N TYR A 215 -18.64 -1.87 10.71
CA TYR A 215 -19.37 -1.26 9.60
C TYR A 215 -20.59 -2.11 9.30
N GLN A 216 -21.77 -1.49 9.34
CA GLN A 216 -23.03 -2.19 9.08
C GLN A 216 -23.23 -2.27 7.57
N ALA A 217 -23.20 -3.47 7.04
CA ALA A 217 -23.39 -3.73 5.62
C ALA A 217 -24.59 -4.64 5.43
N ASN A 218 -25.02 -4.76 4.17
CA ASN A 218 -26.20 -5.55 3.83
C ASN A 218 -25.88 -7.01 3.54
N ASP A 219 -24.60 -7.38 3.53
CA ASP A 219 -24.17 -8.75 3.30
C ASP A 219 -22.72 -8.82 3.77
N THR A 220 -22.12 -10.00 3.64
CA THR A 220 -20.75 -10.22 4.07
C THR A 220 -19.81 -9.21 3.44
N VAL A 221 -18.91 -8.64 4.25
CA VAL A 221 -17.85 -7.79 3.76
C VAL A 221 -16.66 -8.67 3.40
N TRP A 222 -16.21 -8.57 2.15
CA TRP A 222 -15.14 -9.41 1.64
C TRP A 222 -13.82 -8.64 1.75
N PHE A 223 -13.01 -8.53 0.70
CA PHE A 223 -11.65 -8.06 0.85
C PHE A 223 -11.60 -6.55 1.01
N SER A 224 -10.54 -6.10 1.66
CA SER A 224 -10.34 -4.70 1.96
C SER A 224 -8.91 -4.33 1.61
N SER A 225 -8.72 -3.02 1.49
CA SER A 225 -7.44 -2.39 1.22
C SER A 225 -7.29 -1.23 2.19
N VAL A 226 -6.05 -0.93 2.58
CA VAL A 226 -5.75 0.24 3.38
C VAL A 226 -4.90 1.17 2.52
N ALA A 227 -5.15 2.46 2.62
CA ALA A 227 -4.45 3.45 1.81
C ALA A 227 -4.75 4.82 2.38
N ASN A 228 -3.96 5.80 1.94
CA ASN A 228 -4.21 7.19 2.26
C ASN A 228 -4.94 7.83 1.09
N LEU A 229 -6.18 8.26 1.31
CA LEU A 229 -7.03 8.79 0.26
C LEU A 229 -7.50 10.21 0.55
N ASP A 230 -6.85 10.92 1.47
CA ASP A 230 -7.22 12.30 1.76
C ASP A 230 -5.95 13.04 2.19
N GLY A 231 -6.12 14.13 2.94
CA GLY A 231 -5.03 15.03 3.26
C GLY A 231 -4.38 14.87 4.61
N ASP A 232 -4.73 13.84 5.38
CA ASP A 232 -4.11 13.60 6.68
C ASP A 232 -3.26 12.34 6.63
N ASP A 233 -2.50 12.12 7.70
CA ASP A 233 -1.62 10.98 7.80
C ASP A 233 -2.33 9.72 8.28
N LYS A 234 -3.69 9.74 8.43
CA LYS A 234 -4.39 8.60 8.97
C LYS A 234 -4.78 7.62 7.87
N PRO A 235 -4.90 6.33 8.19
CA PRO A 235 -5.29 5.36 7.17
C PRO A 235 -6.77 5.42 6.87
N GLU A 236 -7.09 5.15 5.61
CA GLU A 236 -8.45 4.89 5.17
C GLU A 236 -8.56 3.44 4.73
N LEU A 237 -9.78 2.93 4.77
CA LEU A 237 -10.07 1.52 4.53
C LEU A 237 -11.07 1.42 3.37
N VAL A 238 -10.72 0.65 2.35
CA VAL A 238 -11.61 0.39 1.22
C VAL A 238 -12.18 -1.01 1.39
N VAL A 239 -13.51 -1.15 1.29
CA VAL A 239 -14.18 -2.42 1.51
C VAL A 239 -15.15 -2.71 0.38
N SER A 240 -15.33 -4.00 0.08
CA SER A 240 -16.23 -4.48 -0.96
C SER A 240 -17.25 -5.44 -0.36
N VAL A 241 -18.52 -5.26 -0.73
CA VAL A 241 -19.59 -6.18 -0.39
C VAL A 241 -20.14 -6.73 -1.70
N PRO A 242 -19.88 -7.98 -2.07
CA PRO A 242 -20.31 -8.46 -3.40
C PRO A 242 -21.78 -8.84 -3.47
N ALA A 243 -22.32 -9.32 -2.35
CA ALA A 243 -23.69 -9.81 -2.33
C ALA A 243 -23.88 -10.85 -3.45
N SER A 244 -25.04 -10.84 -4.12
CA SER A 244 -25.29 -11.79 -5.20
C SER A 244 -26.02 -11.10 -6.32
N LEU A 245 -26.04 -11.76 -7.49
CA LEU A 245 -26.67 -11.14 -8.64
C LEU A 245 -28.17 -10.96 -8.45
N SER A 246 -28.79 -11.74 -7.57
CA SER A 246 -30.21 -11.57 -7.29
C SER A 246 -30.47 -10.58 -6.15
N THR A 247 -29.43 -10.12 -5.46
CA THR A 247 -29.58 -9.10 -4.42
C THR A 247 -28.62 -7.95 -4.65
N PRO A 248 -28.63 -7.36 -5.85
CA PRO A 248 -27.64 -6.32 -6.16
C PRO A 248 -27.77 -5.10 -5.28
N GLU A 249 -28.95 -4.84 -4.72
CA GLU A 249 -29.15 -3.70 -3.83
C GLU A 249 -28.32 -3.82 -2.56
N ASN A 250 -27.80 -5.01 -2.26
CA ASN A 250 -27.00 -5.23 -1.06
C ASN A 250 -25.50 -5.09 -1.31
N SER A 251 -25.07 -4.95 -2.56
CA SER A 251 -23.66 -4.80 -2.85
C SER A 251 -23.23 -3.35 -2.68
N GLU A 252 -21.92 -3.16 -2.49
CA GLU A 252 -21.39 -1.81 -2.42
C GLU A 252 -19.87 -1.86 -2.46
N ILE A 253 -19.30 -0.70 -2.76
CA ILE A 253 -17.90 -0.38 -2.47
C ILE A 253 -17.91 0.85 -1.58
N ALA A 254 -17.04 0.87 -0.58
CA ALA A 254 -17.07 1.96 0.37
C ALA A 254 -15.66 2.27 0.84
N VAL A 255 -15.44 3.53 1.19
CA VAL A 255 -14.22 3.97 1.83
C VAL A 255 -14.58 4.41 3.24
N LEU A 256 -13.92 3.81 4.23
CA LEU A 256 -14.15 4.11 5.62
C LEU A 256 -12.95 4.85 6.19
N GLU A 257 -13.22 5.75 7.13
CA GLU A 257 -12.18 6.38 7.92
C GLU A 257 -11.70 5.41 9.00
N HIS A 258 -10.60 5.78 9.67
CA HIS A 258 -9.98 4.89 10.64
C HIS A 258 -10.92 4.56 11.81
N ASP A 259 -11.92 5.40 12.07
CA ASP A 259 -12.87 5.14 13.15
C ASP A 259 -14.14 4.44 12.66
N GLY A 260 -14.16 3.98 11.41
CA GLY A 260 -15.30 3.26 10.89
C GLY A 260 -16.36 4.12 10.23
N SER A 261 -16.29 5.45 10.36
CA SER A 261 -17.27 6.29 9.71
C SER A 261 -17.08 6.25 8.19
N VAL A 262 -18.16 6.51 7.45
CA VAL A 262 -18.15 6.39 6.00
C VAL A 262 -17.60 7.68 5.40
N LYS A 263 -16.56 7.56 4.59
CA LYS A 263 -16.14 8.69 3.75
C LYS A 263 -17.05 8.82 2.55
N TRP A 264 -17.18 7.74 1.77
CA TRP A 264 -18.19 7.65 0.73
C TRP A 264 -18.45 6.18 0.45
N ARG A 265 -19.62 5.92 -0.16
CA ARG A 265 -19.98 4.57 -0.56
C ARG A 265 -20.81 4.64 -1.83
N VAL A 266 -20.78 3.56 -2.59
CA VAL A 266 -21.50 3.45 -3.85
C VAL A 266 -22.19 2.11 -3.91
N ASN A 267 -23.49 2.12 -4.20
CA ASN A 267 -24.22 0.96 -4.66
C ASN A 267 -24.53 1.21 -6.12
N ASN A 268 -24.10 0.31 -6.99
CA ASN A 268 -24.17 0.53 -8.43
C ASN A 268 -24.94 -0.62 -9.08
N LEU A 269 -26.23 -0.38 -9.35
CA LEU A 269 -27.06 -1.43 -9.93
C LEU A 269 -26.71 -1.73 -11.37
N SER A 270 -26.07 -0.79 -12.08
CA SER A 270 -25.58 -1.05 -13.43
C SER A 270 -24.31 -1.90 -13.45
N ASN A 271 -23.65 -2.11 -12.30
CA ASN A 271 -22.50 -2.98 -12.20
C ASN A 271 -22.37 -3.44 -10.75
N PRO A 272 -23.24 -4.33 -10.30
CA PRO A 272 -23.24 -4.76 -8.90
C PRO A 272 -22.10 -5.74 -8.64
N GLY A 273 -22.00 -6.17 -7.39
CA GLY A 273 -20.99 -7.10 -7.00
C GLY A 273 -19.67 -6.43 -6.68
N GLY A 274 -18.61 -7.22 -6.69
CA GLY A 274 -17.28 -6.78 -6.34
C GLY A 274 -16.86 -7.30 -4.98
N SER A 275 -15.75 -8.06 -4.93
CA SER A 275 -15.24 -8.62 -3.67
C SER A 275 -13.90 -8.05 -3.24
N VAL A 276 -13.17 -7.39 -4.15
CA VAL A 276 -11.78 -7.03 -3.89
C VAL A 276 -11.43 -5.86 -4.79
N GLN A 277 -10.47 -5.05 -4.35
CA GLN A 277 -10.00 -3.88 -5.08
C GLN A 277 -8.49 -3.85 -5.08
N ALA A 278 -7.95 -3.10 -6.02
CA ALA A 278 -6.57 -2.63 -5.99
C ALA A 278 -6.60 -1.12 -5.84
N VAL A 279 -5.64 -0.60 -5.07
CA VAL A 279 -5.57 0.83 -4.77
C VAL A 279 -4.15 1.30 -5.06
N SER A 280 -4.00 2.27 -5.93
CA SER A 280 -2.64 2.62 -6.35
C SER A 280 -2.65 3.97 -7.08
N SER A 281 -1.47 4.35 -7.54
CA SER A 281 -1.29 5.57 -8.35
C SER A 281 -1.69 5.23 -9.78
N PHE A 282 -2.99 5.33 -10.04
CA PHE A 282 -3.58 5.00 -11.33
C PHE A 282 -3.84 6.22 -12.20
N LEU A 283 -4.06 7.38 -11.60
CA LEU A 283 -4.52 8.56 -12.29
C LEU A 283 -3.40 9.56 -12.56
N GLY A 284 -2.20 9.29 -12.08
CA GLY A 284 -1.07 10.17 -12.26
C GLY A 284 0.08 9.66 -11.45
N LYS A 285 1.25 10.24 -11.70
CA LYS A 285 2.42 9.89 -10.90
C LYS A 285 2.29 10.51 -9.51
N PRO A 286 2.79 9.84 -8.48
CA PRO A 286 2.76 10.44 -7.13
C PRO A 286 3.29 11.87 -7.09
N SER A 287 4.31 12.18 -7.90
CA SER A 287 4.85 13.53 -7.91
C SER A 287 3.87 14.56 -8.45
N SER A 288 2.90 14.15 -9.26
CA SER A 288 1.90 15.07 -9.80
C SER A 288 1.01 15.65 -8.72
N SER A 289 1.01 15.09 -7.51
CA SER A 289 0.21 15.59 -6.39
C SER A 289 1.04 16.32 -5.36
N ALA A 290 2.35 16.44 -5.57
CA ALA A 290 3.22 17.04 -4.57
C ALA A 290 3.21 18.56 -4.67
N THR A 291 3.35 19.20 -3.51
CA THR A 291 3.42 20.65 -3.41
C THR A 291 4.89 21.06 -3.35
N THR A 292 5.33 21.86 -4.31
CA THR A 292 6.73 22.21 -4.48
C THR A 292 6.91 23.71 -4.57
N VAL A 293 8.12 24.17 -4.25
CA VAL A 293 8.43 25.59 -4.26
C VAL A 293 8.48 26.09 -5.70
N ASP A 294 7.78 27.19 -5.98
CA ASP A 294 7.81 27.77 -7.31
C ASP A 294 7.85 29.29 -7.28
N ALA A 295 7.97 29.91 -6.11
CA ALA A 295 8.07 31.36 -6.03
C ALA A 295 8.58 31.74 -4.65
N GLN A 296 8.94 33.02 -4.51
CA GLN A 296 9.51 33.49 -3.26
C GLN A 296 9.22 34.98 -3.11
N SER A 297 9.25 35.44 -1.86
CA SER A 297 9.13 36.85 -1.56
C SER A 297 10.46 37.55 -1.82
N ALA A 298 10.49 38.86 -1.56
CA ALA A 298 11.76 39.57 -1.51
C ALA A 298 12.53 39.15 -0.25
N VAL A 299 13.79 39.57 -0.17
CA VAL A 299 14.61 39.37 1.02
C VAL A 299 14.37 40.53 1.97
N TYR A 300 14.05 40.21 3.22
CA TYR A 300 13.80 41.22 4.24
C TYR A 300 14.89 41.15 5.30
N GLY A 301 15.66 42.24 5.45
CA GLY A 301 16.67 42.31 6.49
C GLY A 301 18.06 42.56 5.91
N TYR A 302 19.07 41.98 6.55
CA TYR A 302 20.46 42.35 6.35
C TYR A 302 21.27 41.08 6.08
N THR A 303 21.80 40.96 4.87
CA THR A 303 22.48 39.75 4.41
C THR A 303 23.99 39.82 4.52
N ASP A 304 24.54 40.97 4.89
CA ASP A 304 26.00 41.11 4.94
C ASP A 304 26.61 40.10 5.90
N TRP A 305 27.68 39.43 5.44
CA TRP A 305 28.47 38.54 6.28
C TRP A 305 27.66 37.34 6.78
N ALA A 306 26.66 36.94 6.01
CA ALA A 306 25.83 35.80 6.37
C ALA A 306 25.54 35.00 5.11
N HIS A 307 25.53 33.69 5.25
CA HIS A 307 25.26 32.79 4.13
C HIS A 307 23.80 32.37 4.13
N GLN A 308 23.14 32.55 2.99
CA GLN A 308 21.76 32.11 2.81
C GLN A 308 21.65 30.61 3.03
N GLN A 309 20.69 30.19 3.86
CA GLN A 309 20.45 28.77 4.12
C GLN A 309 18.95 28.49 4.03
N ARG A 310 18.59 27.46 3.26
CA ARG A 310 17.20 27.14 3.01
C ARG A 310 16.64 26.26 4.11
N VAL A 311 15.43 26.61 4.57
CA VAL A 311 14.73 25.86 5.61
C VAL A 311 13.35 25.52 5.07
N LEU A 312 13.11 24.25 4.82
CA LEU A 312 11.82 23.78 4.34
C LEU A 312 11.01 23.24 5.50
N ALA A 313 9.71 23.53 5.50
CA ALA A 313 8.83 23.06 6.56
C ALA A 313 8.68 21.55 6.48
N GLU A 314 8.74 20.89 7.63
CA GLU A 314 8.47 19.46 7.75
C GLU A 314 7.15 19.26 8.46
N ASN A 315 6.33 18.35 7.94
CA ASN A 315 4.97 18.15 8.45
C ASN A 315 4.24 19.48 8.53
N HIS A 316 4.42 20.30 7.49
CA HIS A 316 3.90 21.66 7.42
C HIS A 316 4.07 22.41 8.74
N GLN A 317 5.28 22.34 9.29
CA GLN A 317 5.61 23.04 10.52
C GLN A 317 7.02 23.59 10.42
N LEU A 318 7.21 24.79 10.97
CA LEU A 318 8.53 25.36 11.18
C LEU A 318 8.71 25.61 12.67
N ALA A 319 9.95 25.46 13.12
CA ALA A 319 10.33 25.75 14.50
C ALA A 319 11.03 27.11 14.54
N ILE A 320 10.74 27.90 15.57
CA ILE A 320 11.32 29.23 15.72
C ILE A 320 11.69 29.44 17.17
N ARG A 321 12.92 29.88 17.42
CA ARG A 321 13.31 30.33 18.75
C ARG A 321 13.41 31.85 18.73
N SER A 322 12.78 32.49 19.70
CA SER A 322 12.70 33.93 19.72
C SER A 322 12.49 34.41 21.14
N GLY A 323 12.98 35.62 21.41
CA GLY A 323 12.71 36.30 22.66
C GLY A 323 12.33 37.74 22.36
N ALA A 324 13.26 38.67 22.63
CA ALA A 324 13.08 40.04 22.18
C ALA A 324 13.12 40.12 20.66
N VAL A 325 13.89 39.25 20.02
CA VAL A 325 14.05 39.25 18.58
C VAL A 325 13.96 37.81 18.08
N VAL A 326 14.07 37.63 16.77
CA VAL A 326 13.98 36.31 16.15
C VAL A 326 15.39 35.73 16.11
N ASP A 327 15.60 34.65 16.86
CA ASP A 327 16.94 34.12 17.09
C ASP A 327 17.32 32.98 16.17
N ALA A 328 16.39 32.07 15.87
CA ALA A 328 16.74 30.95 15.02
C ALA A 328 15.48 30.37 14.40
N ILE A 329 15.65 29.77 13.22
CA ILE A 329 14.55 29.17 12.47
C ILE A 329 15.04 27.83 11.94
N GLY A 330 14.18 26.81 12.04
CA GLY A 330 14.55 25.50 11.51
C GLY A 330 13.31 24.68 11.23
N ALA A 331 13.52 23.54 10.56
CA ALA A 331 12.42 22.62 10.34
C ALA A 331 11.96 22.00 11.64
N ASN A 332 12.88 21.82 12.58
CA ASN A 332 12.57 21.32 13.91
C ASN A 332 13.59 21.89 14.88
N SER A 333 13.40 21.60 16.17
CA SER A 333 14.21 22.21 17.21
C SER A 333 15.67 21.78 17.16
N GLN A 334 15.99 20.69 16.45
CA GLN A 334 17.35 20.18 16.42
C GLN A 334 18.18 20.76 15.28
N ASN A 335 17.55 21.24 14.21
CA ASN A 335 18.27 21.73 13.02
C ASN A 335 17.83 23.16 12.76
N MET A 336 18.36 24.10 13.55
CA MET A 336 17.92 25.49 13.50
C MET A 336 19.05 26.40 13.08
N ILE A 337 18.71 27.35 12.22
CA ILE A 337 19.65 28.35 11.71
C ILE A 337 19.51 29.60 12.56
N GLY A 338 20.58 29.99 13.23
CA GLY A 338 20.59 31.18 14.04
C GLY A 338 21.31 30.95 15.35
N GLY A 339 21.12 31.89 16.27
CA GLY A 339 21.76 31.82 17.56
C GLY A 339 21.15 30.76 18.46
N SER A 340 21.67 30.70 19.68
CA SER A 340 21.30 29.64 20.61
C SER A 340 20.22 30.05 21.60
N GLY A 341 19.79 31.31 21.60
CA GLY A 341 18.86 31.81 22.60
C GLY A 341 17.41 31.77 22.12
N GLY A 342 16.53 32.33 22.95
CA GLY A 342 15.11 32.38 22.67
C GLY A 342 14.37 31.14 23.15
N SER A 343 13.05 31.30 23.31
CA SER A 343 12.17 30.18 23.62
C SER A 343 11.56 29.65 22.33
N LEU A 344 11.10 28.40 22.40
CA LEU A 344 10.70 27.66 21.21
C LEU A 344 9.21 27.79 20.94
N SER A 345 8.86 28.03 19.68
CA SER A 345 7.48 27.96 19.24
C SER A 345 7.45 27.29 17.87
N THR A 346 6.25 26.96 17.43
CA THR A 346 6.06 26.35 16.12
C THR A 346 5.03 27.15 15.33
N ILE A 347 5.13 27.07 14.01
CA ILE A 347 4.19 27.70 13.10
C ILE A 347 3.65 26.61 12.18
N ASP A 348 2.32 26.52 12.07
CA ASP A 348 1.68 25.65 11.10
C ASP A 348 1.68 26.37 9.75
N THR A 349 2.65 26.05 8.90
CA THR A 349 2.83 26.80 7.66
C THR A 349 1.66 26.63 6.69
N SER A 350 0.91 25.53 6.79
CA SER A 350 -0.22 25.34 5.89
C SER A 350 -1.37 26.30 6.18
N LYS A 351 -1.36 26.97 7.32
CA LYS A 351 -2.40 27.93 7.67
C LYS A 351 -2.00 29.39 7.43
N VAL A 352 -0.72 29.65 7.14
CA VAL A 352 -0.23 31.02 7.00
C VAL A 352 -0.76 31.63 5.71
N ARG A 353 -1.35 32.82 5.82
CA ARG A 353 -1.78 33.58 4.65
C ARG A 353 -1.01 34.88 4.47
N ALA A 354 -0.31 35.36 5.48
CA ALA A 354 0.49 36.57 5.36
C ALA A 354 1.49 36.59 6.51
N ILE A 355 2.60 37.29 6.29
CA ILE A 355 3.60 37.52 7.31
C ILE A 355 3.98 38.99 7.28
N ASP A 356 3.97 39.64 8.45
CA ASP A 356 4.53 40.96 8.63
C ASP A 356 5.91 40.81 9.26
N VAL A 357 6.94 41.34 8.61
CA VAL A 357 8.31 41.25 9.07
C VAL A 357 8.78 42.64 9.48
N THR A 358 9.26 42.76 10.70
CA THR A 358 9.87 43.98 11.22
C THR A 358 11.36 43.74 11.35
N TYR A 359 12.16 44.54 10.64
CA TYR A 359 13.60 44.42 10.68
C TYR A 359 14.22 45.80 10.88
N GLY A 360 15.37 45.82 11.55
CA GLY A 360 16.04 47.06 11.81
C GLY A 360 17.10 46.91 12.88
N LYS A 361 17.41 48.01 13.54
CA LYS A 361 18.49 48.05 14.52
C LYS A 361 17.95 47.62 15.88
N ASN A 362 18.54 46.56 16.42
CA ASN A 362 18.22 46.04 17.75
C ASN A 362 18.66 47.04 18.81
N LYS A 363 17.74 47.48 19.66
CA LYS A 363 18.08 48.52 20.64
C LYS A 363 18.93 47.98 21.79
N TYR A 364 19.02 46.66 21.95
CA TYR A 364 19.81 46.08 23.03
C TYR A 364 21.27 45.88 22.63
N THR A 365 21.50 45.50 21.38
CA THR A 365 22.82 45.17 20.90
C THR A 365 23.31 46.10 19.79
N TRP A 366 22.44 46.95 19.24
CA TRP A 366 22.76 47.84 18.13
C TRP A 366 23.15 47.08 16.86
N LYS A 367 22.83 45.79 16.78
CA LYS A 367 22.99 45.04 15.54
C LYS A 367 21.72 45.08 14.72
N TYR A 368 21.86 44.84 13.42
CA TYR A 368 20.74 44.90 12.47
C TYR A 368 20.24 43.50 12.15
N GLY A 369 18.95 43.28 12.29
CA GLY A 369 18.40 41.98 11.99
C GLY A 369 16.89 41.96 12.02
N VAL A 370 16.34 40.75 12.03
CA VAL A 370 14.90 40.56 12.10
C VAL A 370 14.47 40.62 13.56
N LEU A 371 13.60 41.59 13.88
CA LEU A 371 13.14 41.85 15.24
C LEU A 371 11.85 41.12 15.54
N GLU A 372 10.96 41.03 14.56
CA GLU A 372 9.66 40.40 14.79
C GLU A 372 9.10 39.88 13.47
N MET A 373 8.37 38.77 13.58
CA MET A 373 7.53 38.28 12.49
C MET A 373 6.16 38.01 13.06
N SER A 374 5.12 38.46 12.36
CA SER A 374 3.74 38.23 12.75
C SER A 374 3.04 37.48 11.63
N PHE A 375 2.64 36.23 11.91
CA PHE A 375 1.95 35.39 10.94
C PHE A 375 0.45 35.57 11.08
N THR A 376 -0.22 35.92 9.98
CA THR A 376 -1.68 35.92 9.93
C THR A 376 -2.12 34.57 9.37
N LEU A 377 -2.98 33.87 10.11
CA LEU A 377 -3.47 32.57 9.70
C LEU A 377 -4.82 32.69 8.99
N ASP A 378 -5.24 31.59 8.37
CA ASP A 378 -6.44 31.62 7.55
C ASP A 378 -7.70 31.91 8.36
N ASN A 379 -7.69 31.65 9.67
CA ASN A 379 -8.81 31.98 10.52
C ASN A 379 -8.69 33.37 11.14
N GLY A 380 -7.74 34.19 10.67
CA GLY A 380 -7.56 35.53 11.16
C GLY A 380 -6.66 35.67 12.36
N ALA A 381 -6.35 34.57 13.05
CA ALA A 381 -5.49 34.61 14.22
C ALA A 381 -4.08 35.04 13.83
N LYS A 382 -3.37 35.61 14.81
CA LYS A 382 -2.02 36.11 14.62
C LYS A 382 -1.08 35.35 15.53
N VAL A 383 0.04 34.90 14.98
CA VAL A 383 1.10 34.23 15.73
C VAL A 383 2.36 35.07 15.56
N THR A 384 2.93 35.52 16.67
CA THR A 384 4.07 36.43 16.62
C THR A 384 5.29 35.81 17.28
N VAL A 385 6.45 36.16 16.75
CA VAL A 385 7.74 35.80 17.32
C VAL A 385 8.61 37.05 17.30
N GLY A 386 9.34 37.28 18.40
CA GLY A 386 10.06 38.51 18.56
C GLY A 386 9.13 39.63 18.98
N SER A 387 9.64 40.86 18.86
CA SER A 387 8.89 42.02 19.33
C SER A 387 9.31 43.27 18.57
N LYS A 388 8.31 44.02 18.10
CA LYS A 388 8.56 45.33 17.51
C LYS A 388 9.18 46.30 18.50
N ASP A 389 8.92 46.10 19.79
CA ASP A 389 9.47 46.96 20.83
C ASP A 389 10.97 46.80 21.01
N SER A 390 11.60 45.87 20.30
CA SER A 390 13.05 45.72 20.34
C SER A 390 13.78 46.69 19.43
N ALA A 391 13.05 47.54 18.70
CA ALA A 391 13.66 48.38 17.68
C ALA A 391 14.18 49.67 18.26
N PHE A 392 15.39 50.06 17.82
CA PHE A 392 15.82 51.44 17.87
C PHE A 392 15.33 52.18 16.62
N THR A 393 15.49 51.56 15.46
CA THR A 393 14.80 51.92 14.22
C THR A 393 14.37 50.63 13.55
N SER A 394 13.25 50.69 12.84
CA SER A 394 12.78 49.50 12.15
C SER A 394 11.95 49.87 10.93
N THR A 395 11.82 48.88 10.07
CA THR A 395 10.93 48.88 8.91
C THR A 395 10.01 47.68 9.06
N THR A 396 8.74 47.85 8.72
CA THR A 396 7.80 46.73 8.70
C THR A 396 7.27 46.57 7.28
N VAL A 397 7.22 45.32 6.81
CA VAL A 397 6.76 44.98 5.47
C VAL A 397 5.88 43.74 5.57
N ARG A 398 4.89 43.65 4.68
CA ARG A 398 4.03 42.50 4.60
C ARG A 398 4.28 41.71 3.33
N TYR A 399 4.33 40.40 3.46
CA TYR A 399 4.30 39.48 2.32
C TYR A 399 3.02 38.67 2.40
N ASP A 400 2.22 38.73 1.35
CA ASP A 400 1.00 37.93 1.24
C ASP A 400 1.33 36.63 0.52
N ILE A 401 0.91 35.51 1.10
CA ILE A 401 0.99 34.22 0.42
C ILE A 401 0.04 34.30 -0.78
N PRO A 402 0.51 34.04 -2.01
CA PRO A 402 -0.40 34.15 -3.15
C PRO A 402 -1.59 33.21 -3.01
N GLN A 403 -2.74 33.67 -3.52
CA GLN A 403 -3.93 32.83 -3.54
C GLN A 403 -3.67 31.56 -4.33
N GLY A 404 -4.06 30.42 -3.76
CA GLY A 404 -3.80 29.14 -4.37
C GLY A 404 -2.44 28.55 -4.02
N SER A 405 -1.62 29.25 -3.24
CA SER A 405 -0.31 28.78 -2.84
C SER A 405 -0.26 28.67 -1.32
N GLN A 406 0.77 27.97 -0.84
CA GLN A 406 1.02 27.81 0.59
C GLN A 406 2.47 28.17 0.90
N LEU A 407 2.70 28.63 2.13
CA LEU A 407 4.05 28.81 2.63
C LEU A 407 4.71 27.44 2.81
N LEU A 408 5.87 27.24 2.19
CA LEU A 408 6.56 25.95 2.24
C LEU A 408 7.90 25.99 2.95
N GLY A 409 8.48 27.16 3.13
CA GLY A 409 9.76 27.26 3.82
C GLY A 409 10.27 28.68 3.83
N MET A 410 11.53 28.83 4.22
CA MET A 410 12.17 30.14 4.26
C MET A 410 13.65 30.00 3.94
N ASN A 411 14.21 31.03 3.32
CA ASN A 411 15.65 31.23 3.33
C ASN A 411 16.00 32.10 4.53
N VAL A 412 17.05 31.73 5.24
CA VAL A 412 17.41 32.34 6.52
C VAL A 412 18.87 32.76 6.46
N TRP A 413 19.14 34.01 6.83
CA TRP A 413 20.49 34.53 6.94
C TRP A 413 20.78 34.82 8.41
N SER A 414 21.91 34.30 8.91
CA SER A 414 22.34 34.60 10.27
C SER A 414 23.85 34.81 10.26
N LYS A 415 24.27 35.99 10.69
CA LYS A 415 25.69 36.31 10.77
C LYS A 415 26.32 35.69 12.01
N GLU A 416 27.51 35.11 11.83
CA GLU A 416 28.27 34.51 12.92
C GLU A 416 29.50 35.31 13.33
N LYS A 417 30.14 36.00 12.40
CA LYS A 417 31.45 36.60 12.65
C LYS A 417 31.40 37.57 13.83
N HIS A 418 32.31 37.36 14.79
CA HIS A 418 32.51 38.29 15.90
C HIS A 418 31.29 38.40 16.81
N LEU A 419 30.48 37.35 16.89
CA LEU A 419 29.29 37.35 17.72
C LEU A 419 29.30 36.10 18.59
N PHE A 420 28.99 36.26 19.87
CA PHE A 420 28.74 35.09 20.71
C PHE A 420 27.53 34.34 20.18
N LYS A 421 27.57 33.02 20.31
CA LYS A 421 26.49 32.19 19.79
C LYS A 421 25.14 32.58 20.40
N HIS A 422 25.13 32.95 21.68
CA HIS A 422 23.87 33.30 22.33
C HIS A 422 23.37 34.67 21.94
N LYS A 423 24.16 35.47 21.22
CA LYS A 423 23.71 36.74 20.70
C LYS A 423 23.52 36.73 19.18
N GLN A 424 23.86 35.63 18.51
CA GLN A 424 23.53 35.54 17.09
C GLN A 424 22.01 35.47 16.92
N GLN A 425 21.53 35.96 15.78
CA GLN A 425 20.10 35.99 15.53
C GLN A 425 19.84 35.86 14.03
N VAL A 426 18.56 35.84 13.67
CA VAL A 426 18.18 35.87 12.26
C VAL A 426 18.32 37.32 11.76
N ASN A 427 19.17 37.52 10.75
CA ASN A 427 19.43 38.85 10.23
C ASN A 427 18.64 39.16 8.97
N ALA A 428 18.23 38.15 8.20
CA ALA A 428 17.35 38.36 7.06
C ALA A 428 16.53 37.12 6.84
N VAL A 429 15.36 37.29 6.21
CA VAL A 429 14.48 36.19 5.88
C VAL A 429 13.86 36.40 4.51
N GLN A 430 13.44 35.29 3.91
CA GLN A 430 12.77 35.27 2.62
C GLN A 430 11.84 34.07 2.63
N PHE A 431 10.62 34.25 2.14
CA PHE A 431 9.59 33.23 2.22
C PHE A 431 9.47 32.49 0.89
N LEU A 432 9.35 31.17 0.97
CA LEU A 432 9.23 30.29 -0.19
C LEU A 432 7.83 29.71 -0.22
N VAL A 433 7.17 29.79 -1.39
CA VAL A 433 5.78 29.38 -1.54
C VAL A 433 5.66 28.47 -2.77
N GLY A 434 4.51 27.79 -2.85
CA GLY A 434 4.22 26.92 -3.98
C GLY A 434 2.73 26.65 -4.10
N LYS A 435 2.33 26.32 -5.33
CA LYS A 435 0.91 26.08 -5.61
C LYS A 435 0.43 24.81 -4.91
N VAL A 436 -0.76 24.89 -4.33
CA VAL A 436 -1.32 23.77 -3.59
C VAL A 436 -2.02 22.81 -4.55
N THR A 437 -1.93 21.52 -4.25
CA THR A 437 -2.59 20.49 -5.04
C THR A 437 -3.08 19.39 -4.11
N ALA A 438 -4.25 18.82 -4.44
CA ALA A 438 -4.81 17.74 -3.64
C ALA A 438 -3.80 16.60 -3.50
N ASP A 439 -3.58 16.17 -2.26
CA ASP A 439 -2.47 15.27 -1.96
C ASP A 439 -2.64 13.88 -2.54
N GLN A 440 -3.85 13.50 -2.98
CA GLN A 440 -4.10 12.15 -3.48
C GLN A 440 -4.85 12.18 -4.81
N SER A 441 -4.65 13.23 -5.60
CA SER A 441 -5.31 13.33 -6.90
C SER A 441 -4.84 12.25 -7.87
N HIS A 442 -3.71 11.61 -7.58
CA HIS A 442 -3.17 10.55 -8.42
C HIS A 442 -3.71 9.16 -8.06
N MET A 443 -4.37 9.03 -6.91
CA MET A 443 -4.81 7.73 -6.40
C MET A 443 -6.12 7.29 -7.05
N GLY A 444 -6.23 5.98 -7.25
CA GLY A 444 -7.45 5.40 -7.76
C GLY A 444 -7.78 4.12 -7.02
N ILE A 445 -9.06 3.78 -7.05
CA ILE A 445 -9.58 2.53 -6.50
C ILE A 445 -10.27 1.80 -7.65
N VAL A 446 -9.82 0.60 -7.96
CA VAL A 446 -10.36 -0.14 -9.10
C VAL A 446 -10.82 -1.51 -8.63
N TYR A 447 -11.94 -1.97 -9.20
CA TYR A 447 -12.47 -3.29 -8.88
C TYR A 447 -13.36 -3.76 -10.01
N ALA A 448 -13.56 -5.08 -10.05
CA ALA A 448 -14.42 -5.72 -11.02
C ALA A 448 -15.73 -6.13 -10.37
N GLY A 449 -16.84 -5.83 -11.03
CA GLY A 449 -18.15 -6.29 -10.63
C GLY A 449 -18.65 -7.40 -11.53
N TYR A 450 -19.97 -7.62 -11.51
CA TYR A 450 -20.54 -8.63 -12.38
C TYR A 450 -20.39 -8.28 -13.86
N TYR A 451 -20.39 -6.99 -14.19
CA TYR A 451 -20.47 -6.53 -15.58
C TYR A 451 -19.27 -5.72 -16.06
N ALA A 452 -18.50 -5.09 -15.18
CA ALA A 452 -17.46 -4.18 -15.63
C ALA A 452 -16.40 -3.98 -14.57
N VAL A 453 -15.25 -3.48 -15.02
CA VAL A 453 -14.18 -3.00 -14.16
C VAL A 453 -14.30 -1.49 -14.06
N ASP A 454 -14.43 -0.97 -12.85
CA ASP A 454 -14.67 0.45 -12.60
C ASP A 454 -13.52 1.05 -11.79
N MET A 455 -13.08 2.23 -12.20
CA MET A 455 -12.05 2.99 -11.53
C MET A 455 -12.67 4.22 -10.87
N TYR A 456 -12.37 4.42 -9.59
CA TYR A 456 -12.84 5.56 -8.82
C TYR A 456 -11.66 6.40 -8.34
N ASP A 457 -11.87 7.71 -8.24
CA ASP A 457 -10.86 8.55 -7.61
C ASP A 457 -11.05 8.54 -6.09
N ALA A 458 -10.17 9.25 -5.38
CA ALA A 458 -10.18 9.20 -3.92
C ALA A 458 -11.47 9.75 -3.32
N GLN A 459 -12.19 10.59 -4.06
CA GLN A 459 -13.42 11.22 -3.57
C GLN A 459 -14.68 10.44 -3.93
N GLY A 460 -14.55 9.33 -4.64
CA GLY A 460 -15.72 8.54 -4.99
C GLY A 460 -16.33 8.87 -6.34
N ASN A 461 -15.67 9.68 -7.16
CA ASN A 461 -16.12 9.91 -8.52
C ASN A 461 -15.62 8.78 -9.41
N LYS A 462 -16.52 8.22 -10.21
CA LYS A 462 -16.12 7.19 -11.17
C LYS A 462 -15.35 7.83 -12.31
N VAL A 463 -14.17 7.32 -12.58
CA VAL A 463 -13.32 7.85 -13.65
C VAL A 463 -13.59 7.15 -14.97
N TRP A 464 -13.71 5.82 -14.95
CA TRP A 464 -14.03 5.07 -16.15
C TRP A 464 -14.61 3.71 -15.76
N SER A 465 -15.24 3.07 -16.75
CA SER A 465 -15.83 1.73 -16.61
C SER A 465 -15.58 0.95 -17.89
N VAL A 466 -15.08 -0.28 -17.75
CA VAL A 466 -14.74 -1.12 -18.89
C VAL A 466 -15.50 -2.44 -18.76
N ALA A 467 -16.34 -2.73 -19.76
CA ALA A 467 -17.13 -3.95 -19.73
C ALA A 467 -16.22 -5.16 -19.59
N ASN A 468 -16.63 -6.09 -18.73
CA ASN A 468 -15.81 -7.24 -18.34
C ASN A 468 -16.77 -8.30 -17.82
N ASP A 469 -16.96 -9.36 -18.61
CA ASP A 469 -18.00 -10.36 -18.37
C ASP A 469 -17.64 -11.23 -17.17
N ASP A 470 -18.32 -11.03 -16.05
CA ASP A 470 -18.14 -11.91 -14.91
C ASP A 470 -19.47 -12.29 -14.29
N LEU A 471 -20.48 -12.53 -15.13
CA LEU A 471 -21.80 -12.90 -14.62
C LEU A 471 -21.75 -14.11 -13.70
N ASN A 472 -20.78 -15.01 -13.91
CA ASN A 472 -20.72 -16.26 -13.17
C ASN A 472 -20.27 -16.10 -11.72
N SER A 473 -19.71 -14.96 -11.34
CA SER A 473 -19.11 -14.84 -10.01
C SER A 473 -19.39 -13.47 -9.39
N GLY A 474 -19.03 -12.40 -10.10
CA GLY A 474 -19.13 -11.08 -9.54
C GLY A 474 -18.10 -10.77 -8.48
N LYS A 475 -17.06 -11.60 -8.33
CA LYS A 475 -16.03 -11.39 -7.34
C LYS A 475 -14.62 -11.35 -7.91
N ILE A 476 -14.47 -11.43 -9.24
CA ILE A 476 -13.15 -11.63 -9.81
C ILE A 476 -12.21 -10.50 -9.40
N GLY A 477 -10.94 -10.85 -9.23
CA GLY A 477 -9.98 -9.91 -8.71
C GLY A 477 -9.29 -9.09 -9.79
N VAL A 478 -8.54 -8.10 -9.32
CA VAL A 478 -7.69 -7.25 -10.14
C VAL A 478 -6.39 -7.03 -9.38
N SER A 479 -5.35 -6.61 -10.10
CA SER A 479 -4.11 -6.18 -9.48
C SER A 479 -3.56 -5.02 -10.31
N ALA A 480 -2.42 -4.50 -9.89
CA ALA A 480 -1.84 -3.30 -10.50
C ALA A 480 -0.35 -3.50 -10.73
N TYR A 481 0.16 -2.88 -11.78
CA TYR A 481 1.58 -2.88 -12.10
C TYR A 481 1.84 -1.85 -13.19
N ASP A 482 3.01 -1.22 -13.12
CA ASP A 482 3.44 -0.22 -14.11
C ASP A 482 4.25 -0.92 -15.18
N PHE A 483 3.54 -1.43 -16.20
CA PHE A 483 4.21 -2.06 -17.34
C PHE A 483 5.01 -1.06 -18.16
N THR A 484 4.48 0.16 -18.33
CA THR A 484 5.06 1.09 -19.28
C THR A 484 6.25 1.84 -18.70
N GLY A 485 6.38 1.89 -17.37
CA GLY A 485 7.51 2.53 -16.75
C GLY A 485 7.41 4.03 -16.62
N ASP A 486 6.21 4.60 -16.71
CA ASP A 486 6.01 6.03 -16.55
C ASP A 486 5.61 6.42 -15.12
N GLY A 487 5.66 5.48 -14.18
CA GLY A 487 5.32 5.77 -12.81
C GLY A 487 3.85 5.64 -12.48
N ILE A 488 3.00 5.34 -13.47
CA ILE A 488 1.56 5.19 -13.28
C ILE A 488 1.21 3.73 -13.50
N ASP A 489 0.50 3.13 -12.54
CA ASP A 489 0.14 1.72 -12.64
C ASP A 489 -0.93 1.52 -13.71
N GLU A 490 -0.79 0.43 -14.45
CA GLU A 490 -1.87 -0.15 -15.24
C GLU A 490 -2.65 -1.14 -14.36
N VAL A 491 -3.83 -1.54 -14.85
CA VAL A 491 -4.72 -2.47 -14.17
C VAL A 491 -4.69 -3.80 -14.89
N LEU A 492 -4.58 -4.87 -14.11
CA LEU A 492 -4.61 -6.24 -14.62
C LEU A 492 -5.94 -6.86 -14.24
N VAL A 493 -6.69 -7.32 -15.24
CA VAL A 493 -8.06 -7.78 -15.06
C VAL A 493 -8.23 -9.12 -15.76
N GLN A 494 -9.28 -9.83 -15.37
CA GLN A 494 -9.58 -11.17 -15.86
C GLN A 494 -11.09 -11.28 -16.01
N ASP A 495 -11.54 -11.93 -17.09
CA ASP A 495 -12.95 -12.31 -17.16
C ASP A 495 -13.08 -13.78 -17.51
N ARG A 496 -14.14 -14.19 -18.19
CA ARG A 496 -14.34 -15.62 -18.45
C ARG A 496 -13.31 -16.17 -19.43
N LEU A 497 -12.83 -15.34 -20.36
CA LEU A 497 -12.04 -15.82 -21.49
C LEU A 497 -10.72 -15.09 -21.71
N ARG A 498 -10.49 -13.94 -21.06
CA ARG A 498 -9.36 -13.09 -21.39
C ARG A 498 -8.79 -12.48 -20.12
N MET A 499 -7.47 -12.40 -20.08
CA MET A 499 -6.77 -11.49 -19.18
C MET A 499 -6.41 -10.25 -19.98
N ARG A 500 -6.58 -9.08 -19.38
CA ARG A 500 -6.31 -7.83 -20.07
C ARG A 500 -5.56 -6.86 -19.18
N ILE A 501 -4.83 -5.96 -19.83
CA ILE A 501 -4.14 -4.85 -19.17
C ILE A 501 -4.85 -3.56 -19.59
N LEU A 502 -5.25 -2.77 -18.60
CA LEU A 502 -6.00 -1.54 -18.83
C LEU A 502 -5.18 -0.33 -18.40
N ASP A 503 -5.28 0.74 -19.17
CA ASP A 503 -4.64 1.99 -18.82
C ASP A 503 -5.26 2.54 -17.53
N GLY A 504 -4.41 2.96 -16.60
CA GLY A 504 -4.91 3.43 -15.32
C GLY A 504 -5.78 4.65 -15.43
N GLN A 505 -5.42 5.59 -16.32
CA GLN A 505 -6.10 6.86 -16.38
C GLN A 505 -7.41 6.79 -17.15
N THR A 506 -7.52 5.88 -18.13
CA THR A 506 -8.64 5.89 -19.07
C THR A 506 -9.33 4.54 -19.24
N GLY A 507 -8.74 3.44 -18.78
CA GLY A 507 -9.30 2.14 -19.01
C GLY A 507 -9.03 1.56 -20.40
N ARG A 508 -8.33 2.29 -21.27
CA ARG A 508 -8.03 1.77 -22.59
C ARG A 508 -7.35 0.41 -22.49
N VAL A 509 -7.80 -0.54 -23.32
CA VAL A 509 -7.21 -1.87 -23.33
C VAL A 509 -5.84 -1.81 -24.01
N MET A 510 -4.81 -2.23 -23.28
CA MET A 510 -3.43 -2.18 -23.77
C MET A 510 -2.83 -3.54 -24.07
N GLY A 511 -3.47 -4.62 -23.63
CA GLY A 511 -3.01 -5.95 -23.92
C GLY A 511 -4.11 -6.94 -23.64
N ILE A 512 -4.12 -8.03 -24.39
CA ILE A 512 -5.12 -9.08 -24.27
C ILE A 512 -4.41 -10.42 -24.37
N ILE A 513 -4.69 -11.32 -23.44
CA ILE A 513 -4.14 -12.66 -23.41
C ILE A 513 -5.29 -13.63 -23.21
N ALA A 514 -5.41 -14.61 -24.10
CA ALA A 514 -6.43 -15.65 -23.94
C ALA A 514 -6.14 -16.46 -22.69
N ASN A 515 -7.11 -16.49 -21.77
CA ASN A 515 -6.93 -17.16 -20.48
C ASN A 515 -8.30 -17.32 -19.85
N SER A 516 -8.74 -18.56 -19.65
CA SER A 516 -10.11 -18.82 -19.24
C SER A 516 -10.21 -19.14 -17.75
N SER A 517 -11.40 -18.85 -17.20
CA SER A 517 -11.69 -19.19 -15.81
C SER A 517 -13.20 -19.11 -15.57
N GLY A 518 -13.72 -20.03 -14.77
CA GLY A 518 -15.05 -19.86 -14.21
C GLY A 518 -15.15 -18.60 -13.35
N THR A 519 -14.00 -18.15 -12.83
CA THR A 519 -13.78 -16.98 -12.00
C THR A 519 -14.32 -17.17 -10.59
N LEU A 520 -13.46 -16.88 -9.62
CA LEU A 520 -13.84 -16.69 -8.24
C LEU A 520 -13.37 -15.30 -7.88
N TRP A 521 -12.24 -15.16 -7.17
CA TRP A 521 -11.68 -13.85 -6.88
C TRP A 521 -10.17 -13.81 -7.13
N GLU A 522 -9.66 -14.68 -8.00
CA GLU A 522 -8.24 -14.69 -8.33
C GLU A 522 -7.87 -13.44 -9.13
N TYR A 523 -6.58 -13.17 -9.21
CA TYR A 523 -6.09 -12.09 -10.07
C TYR A 523 -4.73 -12.48 -10.62
N PRO A 524 -4.30 -11.85 -11.71
CA PRO A 524 -2.94 -12.07 -12.20
C PRO A 524 -1.94 -11.34 -11.32
N VAL A 525 -0.70 -11.84 -11.33
CA VAL A 525 0.38 -11.31 -10.50
C VAL A 525 1.58 -11.00 -11.38
N VAL A 526 2.19 -9.84 -11.17
CA VAL A 526 3.48 -9.51 -11.75
C VAL A 526 4.53 -9.63 -10.66
N ALA A 527 5.61 -10.35 -10.95
CA ALA A 527 6.72 -10.44 -10.02
C ALA A 527 8.02 -10.63 -10.80
N ASP A 528 9.09 -10.04 -10.29
CA ASP A 528 10.43 -10.16 -10.86
C ASP A 528 11.06 -11.39 -10.23
N LEU A 529 10.93 -12.53 -10.93
CA LEU A 529 11.35 -13.80 -10.35
C LEU A 529 12.88 -13.87 -10.23
N GLU A 530 13.60 -13.46 -11.27
CA GLU A 530 15.05 -13.59 -11.27
C GLU A 530 15.76 -12.44 -10.55
N GLY A 531 15.10 -11.31 -10.40
CA GLY A 531 15.74 -10.18 -9.74
C GLY A 531 16.62 -9.34 -10.64
N ASN A 532 16.49 -9.49 -11.95
CA ASN A 532 17.28 -8.71 -12.90
C ASN A 532 16.46 -7.62 -13.59
N ASN A 533 15.39 -7.17 -12.95
CA ASN A 533 14.64 -5.98 -13.38
C ASN A 533 13.85 -6.24 -14.66
N ASN A 534 13.48 -7.49 -14.91
CA ASN A 534 12.59 -7.83 -16.03
C ASN A 534 11.59 -8.86 -15.52
N ALA A 535 10.38 -8.40 -15.22
CA ALA A 535 9.39 -9.16 -14.46
C ALA A 535 8.66 -10.19 -15.32
N SER A 536 7.90 -11.04 -14.63
CA SER A 536 7.05 -12.06 -15.23
C SER A 536 5.60 -11.79 -14.84
N LEU A 537 4.69 -12.10 -15.76
CA LEU A 537 3.25 -11.98 -15.56
C LEU A 537 2.66 -13.37 -15.40
N ILE A 538 2.10 -13.64 -14.22
CA ILE A 538 1.66 -14.97 -13.82
C ILE A 538 0.14 -14.97 -13.70
N MET A 539 -0.53 -15.95 -14.33
CA MET A 539 -1.97 -16.07 -14.24
C MET A 539 -2.38 -17.53 -14.20
N VAL A 540 -3.53 -17.78 -13.59
CA VAL A 540 -4.06 -19.13 -13.43
C VAL A 540 -5.26 -19.30 -14.34
N ALA A 541 -5.53 -20.54 -14.73
CA ALA A 541 -6.56 -20.83 -15.71
C ALA A 541 -7.24 -22.14 -15.40
N ASN A 542 -8.49 -22.25 -15.85
CA ASN A 542 -9.27 -23.47 -15.74
C ASN A 542 -10.24 -23.50 -16.91
N ASP A 543 -10.62 -24.72 -17.31
CA ASP A 543 -11.46 -24.89 -18.49
C ASP A 543 -12.55 -25.94 -18.26
N TYR A 544 -12.94 -26.15 -17.01
CA TYR A 544 -13.98 -27.14 -16.72
C TYR A 544 -15.35 -26.68 -17.21
N ASP A 545 -15.57 -25.37 -17.32
CA ASP A 545 -16.88 -24.82 -17.66
C ASP A 545 -16.98 -24.52 -19.15
N ARG A 546 -18.10 -24.90 -19.75
CA ARG A 546 -18.27 -24.75 -21.20
C ARG A 546 -18.17 -23.30 -21.64
N GLU A 547 -18.53 -22.35 -20.78
CA GLU A 547 -18.45 -20.93 -21.12
C GLU A 547 -17.08 -20.33 -20.85
N SER A 548 -16.10 -21.13 -20.42
CA SER A 548 -14.76 -20.61 -20.18
C SER A 548 -13.77 -21.76 -20.41
N GLN A 549 -13.66 -22.18 -21.66
CA GLN A 549 -12.93 -23.39 -22.04
C GLN A 549 -11.82 -23.02 -23.01
N VAL A 550 -10.73 -22.47 -22.48
CA VAL A 550 -9.58 -22.10 -23.31
C VAL A 550 -8.36 -22.90 -22.87
N ASN A 551 -8.03 -22.82 -21.58
CA ASN A 551 -6.81 -23.42 -21.08
C ASN A 551 -6.97 -23.72 -19.59
N HIS A 552 -5.99 -24.43 -19.04
CA HIS A 552 -5.99 -24.77 -17.62
C HIS A 552 -4.56 -24.86 -17.13
N GLY A 553 -4.35 -24.43 -15.88
CA GLY A 553 -3.06 -24.54 -15.19
C GLY A 553 -2.52 -23.18 -14.83
N VAL A 554 -1.23 -22.98 -15.09
CA VAL A 554 -0.53 -21.74 -14.76
C VAL A 554 0.24 -21.30 -16.00
N PHE A 555 0.09 -20.04 -16.36
CA PHE A 555 0.68 -19.48 -17.56
C PHE A 555 1.46 -18.23 -17.19
N VAL A 556 2.72 -18.19 -17.58
CA VAL A 556 3.65 -17.13 -17.22
C VAL A 556 4.15 -16.48 -18.49
N TYR A 557 4.05 -15.15 -18.56
CA TYR A 557 4.41 -14.38 -19.73
C TYR A 557 5.52 -13.40 -19.38
N GLU A 558 6.18 -12.91 -20.42
CA GLU A 558 7.21 -11.89 -20.30
C GLU A 558 7.06 -10.91 -21.45
N SER A 559 7.74 -9.77 -21.32
CA SER A 559 7.74 -8.78 -22.38
C SER A 559 8.32 -9.38 -23.66
N ALA A 560 7.61 -9.19 -24.77
CA ALA A 560 8.09 -9.72 -26.04
C ALA A 560 9.19 -8.85 -26.66
N ASN A 561 9.32 -7.60 -26.23
CA ASN A 561 10.30 -6.69 -26.79
C ASN A 561 11.51 -6.63 -25.85
N PRO A 562 12.69 -7.09 -26.25
CA PRO A 562 13.82 -7.10 -25.31
C PRO A 562 14.28 -5.70 -24.89
N SER A 563 13.90 -4.66 -25.62
CA SER A 563 14.19 -3.29 -25.21
C SER A 563 13.07 -2.68 -24.37
N LYS A 564 12.08 -3.47 -23.97
CA LYS A 564 11.00 -3.00 -23.10
C LYS A 564 10.88 -3.94 -21.92
N PRO A 565 11.89 -4.00 -21.06
CA PRO A 565 11.79 -4.83 -19.87
C PRO A 565 10.70 -4.32 -18.93
N TRP A 566 10.16 -5.24 -18.14
CA TRP A 566 9.17 -4.91 -17.12
C TRP A 566 9.93 -4.67 -15.82
N ARG A 567 10.20 -3.40 -15.53
CA ARG A 567 11.10 -2.98 -14.47
C ARG A 567 10.35 -2.72 -13.16
N ASN A 568 11.12 -2.72 -12.06
CA ASN A 568 10.66 -2.25 -10.76
C ASN A 568 9.45 -3.06 -10.24
N ALA A 569 9.50 -4.37 -10.43
CA ALA A 569 8.47 -5.26 -9.91
C ALA A 569 8.95 -5.99 -8.65
N THR A 570 8.01 -6.23 -7.73
CA THR A 570 8.32 -6.93 -6.49
C THR A 570 8.95 -8.29 -6.78
N ARG A 571 9.87 -8.69 -5.90
CA ARG A 571 10.45 -10.02 -5.94
C ARG A 571 9.58 -11.07 -5.25
N ILE A 572 8.49 -10.66 -4.60
CA ILE A 572 7.73 -11.55 -3.73
C ILE A 572 6.28 -11.09 -3.72
N TRP A 573 5.37 -12.06 -3.76
CA TRP A 573 3.94 -11.79 -3.62
C TRP A 573 3.40 -12.92 -2.75
N ASN A 574 3.45 -12.72 -1.44
CA ASN A 574 3.42 -13.84 -0.52
C ASN A 574 2.04 -14.14 0.03
N GLN A 575 1.05 -13.28 -0.23
CA GLN A 575 -0.30 -13.50 0.28
C GLN A 575 -1.26 -12.72 -0.61
N TYR A 576 -2.54 -13.05 -0.47
CA TYR A 576 -3.57 -12.43 -1.30
C TYR A 576 -3.70 -10.94 -0.99
N ALA A 577 -3.56 -10.57 0.28
CA ALA A 577 -3.63 -9.17 0.71
C ALA A 577 -2.23 -8.54 0.72
N PHE A 578 -1.60 -8.58 -0.46
CA PHE A 578 -0.22 -8.12 -0.60
C PHE A 578 -0.17 -6.60 -0.74
N ASN A 579 0.73 -5.97 0.02
CA ASN A 579 0.96 -4.53 -0.12
C ASN A 579 2.36 -4.15 0.35
N PHE A 580 3.35 -5.01 0.08
CA PHE A 580 4.76 -4.75 0.34
C PHE A 580 5.15 -4.72 1.81
N SER A 581 4.42 -3.95 2.62
CA SER A 581 4.95 -3.53 3.91
C SER A 581 5.08 -4.66 4.91
N ASP A 582 4.41 -5.79 4.71
CA ASP A 582 4.43 -6.89 5.66
C ASP A 582 5.36 -8.02 5.24
N ILE A 583 6.24 -7.79 4.28
CA ILE A 583 7.15 -8.84 3.82
C ILE A 583 8.43 -8.20 3.31
N ASN A 584 9.56 -8.80 3.68
CA ASN A 584 10.85 -8.45 3.10
C ASN A 584 11.14 -9.36 1.90
N ALA A 585 12.13 -8.95 1.10
CA ALA A 585 12.43 -9.69 -0.13
C ALA A 585 12.83 -11.13 0.17
N ASN A 586 13.55 -11.34 1.27
CA ASN A 586 13.98 -12.68 1.66
C ASN A 586 12.90 -13.49 2.36
N GLY A 587 11.69 -12.97 2.48
CA GLY A 587 10.59 -13.71 3.05
C GLY A 587 10.36 -13.50 4.54
N THR A 588 11.25 -12.77 5.22
CA THR A 588 11.01 -12.47 6.62
C THR A 588 9.95 -11.38 6.74
N ILE A 589 9.31 -11.33 7.89
CA ILE A 589 8.22 -10.39 8.15
C ILE A 589 8.72 -9.35 9.14
N PRO A 590 8.57 -8.05 8.85
CA PRO A 590 9.08 -7.04 9.79
C PRO A 590 8.29 -7.02 11.09
N THR A 591 8.99 -6.66 12.16
CA THR A 591 8.36 -6.58 13.47
C THR A 591 7.51 -5.32 13.62
N ASN A 592 8.03 -4.17 13.14
CA ASN A 592 7.29 -2.89 13.18
C ASN A 592 7.51 -2.20 11.83
N ALA A 593 6.74 -2.63 10.83
CA ALA A 593 6.86 -2.05 9.51
C ALA A 593 6.25 -0.65 9.48
N GLN A 594 6.90 0.26 8.77
CA GLN A 594 6.34 1.59 8.60
C GLN A 594 5.00 1.49 7.86
N PRO A 595 4.08 2.43 8.08
CA PRO A 595 2.73 2.28 7.54
C PRO A 595 2.73 2.33 6.01
N SER A 596 2.07 1.33 5.40
CA SER A 596 2.01 1.26 3.94
C SER A 596 1.46 2.54 3.34
N TRP A 597 0.47 3.15 3.99
CA TRP A 597 -0.21 4.31 3.41
C TRP A 597 0.63 5.58 3.48
N LEU A 598 1.77 5.55 4.18
CA LEU A 598 2.69 6.68 4.21
C LEU A 598 3.97 6.42 3.44
N THR A 599 4.08 5.25 2.77
CA THR A 599 5.27 4.93 1.99
C THR A 599 4.86 4.83 0.54
N HIS A 600 4.66 3.63 0.00
CA HIS A 600 4.23 3.45 -1.38
C HIS A 600 2.75 3.73 -1.58
N ASN A 601 1.94 3.64 -0.52
CA ASN A 601 0.51 3.96 -0.55
C ASN A 601 -0.18 3.20 -1.68
N SER A 602 0.03 1.88 -1.71
CA SER A 602 -0.63 1.03 -2.68
C SER A 602 -1.10 -0.25 -2.00
N PHE A 603 -1.98 -0.97 -2.68
CA PHE A 603 -2.49 -2.24 -2.18
C PHE A 603 -2.81 -3.12 -3.39
N ARG A 604 -2.22 -4.32 -3.39
CA ARG A 604 -2.27 -5.25 -4.52
C ARG A 604 -1.66 -4.64 -5.78
N SER A 605 -0.61 -3.85 -5.61
CA SER A 605 0.25 -3.41 -6.71
C SER A 605 1.62 -4.08 -6.60
N ALA A 606 2.15 -4.50 -7.75
CA ALA A 606 3.49 -5.07 -7.83
C ALA A 606 4.58 -4.03 -7.99
N THR A 607 4.23 -2.76 -8.16
CA THR A 607 5.21 -1.75 -8.53
C THR A 607 6.00 -1.29 -7.31
N ILE A 608 7.32 -1.42 -7.36
CA ILE A 608 8.17 -0.92 -6.28
C ILE A 608 8.20 0.60 -6.38
N ARG A 609 7.85 1.27 -5.29
CA ARG A 609 7.79 2.72 -5.24
C ARG A 609 8.56 3.24 -4.04
N VAL A 610 9.32 4.30 -4.25
CA VAL A 610 10.00 5.04 -3.18
C VAL A 610 9.06 6.13 -2.69
N PRO A 611 8.89 6.32 -1.39
CA PRO A 611 7.93 7.33 -0.90
C PRO A 611 8.32 8.74 -1.27
N LEU A 612 7.30 9.60 -1.31
CA LEU A 612 7.46 11.04 -1.49
C LEU A 612 8.16 11.36 -2.81
#